data_7O9H
#
_entry.id   7O9H
#
_cell.length_a   74.480
_cell.length_b   90.710
_cell.length_c   106.640
_cell.angle_alpha   90.00
_cell.angle_beta   90.00
_cell.angle_gamma   90.00
#
_symmetry.space_group_name_H-M   'P 21 21 21'
#
loop_
_entity.id
_entity.type
_entity.pdbx_description
1 polymer 'Signal recognition particle receptor FtsY'
2 non-polymer "guanosine 5'-(tetrahydrogen triphosphate) 3'-(trihydrogen diphosphate)"
3 water water
#
_entity_poly.entity_id   1
_entity_poly.type   'polypeptide(L)'
_entity_poly.pdbx_seq_one_letter_code
;MGGFFARLKRSLLKTKENLGSGFISLFRGKKIDDDLFEELEEQLLIADVGVETTRKIITNLTEGASRKQLRDAEALYGLL
KEEMGEILAKVDEPLNVEGKTPFVILMVGVNGVGKTTTIGKLARQFEQQGKSVMLAAGDTFRAAAVEQLQVWGQRNNIPV
IAQHTGADSASVIFDAIQAAKARNIDVLIADTAGRLQNKSHLMEELKKIVRVMKKLDVEAPHEVMLTIDASTGQNAVSQA
KLFHEAVGLTGITLTKLDGTAKGGVIFSVADQFGIPIRYIGVGERIEDLRPFKADDFIEALFAREDHHHHHH
;
_entity_poly.pdbx_strand_id   A,B
#
# COMPACT_ATOMS: atom_id res chain seq x y z
N GLY A 3 9.40 -7.26 24.04
CA GLY A 3 10.66 -7.19 24.75
C GLY A 3 10.95 -5.81 25.29
N PHE A 4 11.66 -5.76 26.42
CA PHE A 4 12.07 -4.52 27.07
C PHE A 4 10.88 -3.59 27.33
N PHE A 5 9.81 -4.16 27.88
CA PHE A 5 8.63 -3.35 28.13
C PHE A 5 8.88 -2.29 29.19
N ALA A 6 9.56 -2.65 30.28
CA ALA A 6 9.89 -1.68 31.32
C ALA A 6 10.60 -0.45 30.76
N ARG A 7 11.61 -0.68 29.89
CA ARG A 7 12.35 0.44 29.30
C ARG A 7 11.47 1.27 28.37
N LEU A 8 10.54 0.63 27.66
CA LEU A 8 9.65 1.40 26.78
C LEU A 8 8.80 2.35 27.60
N LYS A 9 8.33 1.87 28.76
CA LYS A 9 7.54 2.67 29.69
C LYS A 9 8.32 3.87 30.25
N ARG A 10 9.53 3.63 30.74
CA ARG A 10 10.34 4.74 31.23
C ARG A 10 10.61 5.74 30.13
N SER A 11 10.79 5.25 28.91
CA SER A 11 11.16 6.14 27.82
C SER A 11 10.00 7.05 27.41
N LEU A 12 8.76 6.71 27.79
CA LEU A 12 7.58 7.51 27.49
C LEU A 12 7.18 8.45 28.63
N LEU A 13 7.97 8.47 29.70
CA LEU A 13 7.56 9.10 30.95
C LEU A 13 7.20 10.59 30.77
N LYS A 14 7.92 11.29 29.89
CA LYS A 14 7.64 12.71 29.66
C LYS A 14 6.37 12.91 28.85
N THR A 15 6.09 12.00 27.92
CA THR A 15 4.82 12.00 27.18
C THR A 15 3.67 11.60 28.06
N LYS A 16 3.90 10.70 29.01
CA LYS A 16 2.84 10.24 29.88
C LYS A 16 2.35 11.32 30.84
N GLU A 17 3.06 12.44 31.03
CA GLU A 17 2.43 13.48 31.84
C GLU A 17 1.19 14.04 31.19
N ASN A 18 1.20 14.19 29.88
CA ASN A 18 0.06 14.76 29.19
C ASN A 18 -0.87 13.69 28.65
N LEU A 19 -0.33 12.62 28.07
CA LEU A 19 -1.14 11.60 27.41
C LEU A 19 -1.25 10.34 28.27
N GLY A 20 -2.22 9.52 27.91
CA GLY A 20 -2.38 8.24 28.56
C GLY A 20 -2.63 8.37 30.04
N SER A 21 -1.67 7.93 30.84
CA SER A 21 -1.84 7.96 32.29
C SER A 21 -1.90 9.38 32.84
N GLY A 22 -1.48 10.39 32.08
CA GLY A 22 -1.65 11.77 32.48
C GLY A 22 -3.06 12.31 32.35
N PHE A 23 -3.98 11.48 31.85
CA PHE A 23 -5.41 11.88 31.73
C PHE A 23 -6.18 11.47 32.99
N ILE A 24 -5.54 10.69 33.87
CA ILE A 24 -6.23 10.20 35.10
C ILE A 24 -6.61 11.38 35.98
N SER A 25 -5.71 12.35 36.10
CA SER A 25 -5.97 13.55 36.93
C SER A 25 -7.13 14.36 36.35
N LEU A 26 -7.23 14.48 35.03
CA LEU A 26 -8.29 15.31 34.41
C LEU A 26 -9.65 14.70 34.70
N PHE A 27 -9.73 13.38 34.72
CA PHE A 27 -11.03 12.71 34.92
C PHE A 27 -11.34 12.49 36.40
N ARG A 28 -10.39 12.72 37.29
CA ARG A 28 -10.63 12.38 38.73
C ARG A 28 -11.74 13.21 39.33
N GLY A 29 -12.75 12.55 39.91
CA GLY A 29 -13.86 13.25 40.61
C GLY A 29 -14.56 14.27 39.75
N LYS A 30 -14.79 13.95 38.49
CA LYS A 30 -15.42 14.94 37.58
C LYS A 30 -16.61 14.29 36.89
N LYS A 31 -17.56 15.10 36.44
CA LYS A 31 -18.76 14.57 35.75
C LYS A 31 -18.56 14.77 34.25
N ILE A 32 -19.28 13.99 33.45
CA ILE A 32 -19.17 14.19 31.98
C ILE A 32 -20.00 15.39 31.54
N ASP A 33 -19.33 16.37 30.92
CA ASP A 33 -20.00 17.60 30.45
C ASP A 33 -19.17 18.16 29.29
N ASP A 34 -19.66 19.21 28.64
CA ASP A 34 -18.93 19.84 27.51
C ASP A 34 -17.59 20.34 28.01
N ASP A 35 -17.52 20.81 29.25
CA ASP A 35 -16.27 21.39 29.79
C ASP A 35 -15.17 20.32 29.82
N LEU A 36 -15.51 19.10 30.21
CA LEU A 36 -14.50 18.02 30.26
C LEU A 36 -14.02 17.74 28.84
N PHE A 37 -14.95 17.64 27.88
CA PHE A 37 -14.57 17.33 26.48
C PHE A 37 -13.69 18.45 25.92
N GLU A 38 -13.99 19.70 26.27
CA GLU A 38 -13.16 20.84 25.81
C GLU A 38 -11.77 20.80 26.46
N GLU A 39 -11.70 20.44 27.74
CA GLU A 39 -10.41 20.31 28.42
C GLU A 39 -9.61 19.15 27.82
N LEU A 40 -10.28 18.04 27.50
CA LEU A 40 -9.59 16.87 26.91
C LEU A 40 -9.06 17.27 25.53
N GLU A 41 -9.87 18.00 24.74
CA GLU A 41 -9.47 18.41 23.38
C GLU A 41 -8.16 19.21 23.44
N GLU A 42 -8.12 20.24 24.28
CA GLU A 42 -6.91 21.10 24.35
C GLU A 42 -5.71 20.25 24.82
N GLN A 43 -5.93 19.34 25.77
CA GLN A 43 -4.83 18.49 26.29
C GLN A 43 -4.23 17.65 25.15
N LEU A 44 -5.09 17.08 24.30
CA LEU A 44 -4.61 16.30 23.13
C LEU A 44 -3.83 17.23 22.18
N LEU A 45 -4.33 18.45 21.98
CA LEU A 45 -3.68 19.40 21.04
C LEU A 45 -2.32 19.84 21.61
N ILE A 46 -2.27 20.14 22.92
CA ILE A 46 -0.99 20.55 23.56
C ILE A 46 0.03 19.44 23.35
N ALA A 47 -0.40 18.19 23.32
CA ALA A 47 0.51 17.03 23.16
C ALA A 47 0.88 16.70 21.71
N ASP A 48 0.36 17.42 20.72
CA ASP A 48 0.65 17.20 19.27
C ASP A 48 -0.10 16.00 18.68
N VAL A 49 -1.24 15.63 19.24
CA VAL A 49 -2.10 14.55 18.67
C VAL A 49 -2.60 14.98 17.29
N GLY A 50 -2.85 16.27 17.11
CA GLY A 50 -3.26 16.77 15.79
C GLY A 50 -4.71 17.21 15.77
N VAL A 51 -5.03 18.20 14.93
CA VAL A 51 -6.40 18.78 14.90
C VAL A 51 -7.38 17.72 14.41
N GLU A 52 -7.14 17.17 13.23
CA GLU A 52 -8.12 16.22 12.70
C GLU A 52 -8.26 15.00 13.61
N THR A 53 -7.12 14.44 14.05
CA THR A 53 -7.15 13.24 14.89
C THR A 53 -7.83 13.50 16.22
N THR A 54 -7.57 14.66 16.83
CA THR A 54 -8.21 15.01 18.09
C THR A 54 -9.72 15.12 17.90
N ARG A 55 -10.15 15.70 16.79
CA ARG A 55 -11.58 15.81 16.58
C ARG A 55 -12.24 14.44 16.29
N LYS A 56 -11.52 13.47 15.70
CA LYS A 56 -12.12 12.14 15.64
C LYS A 56 -12.23 11.54 17.03
N ILE A 57 -11.20 11.73 17.86
CA ILE A 57 -11.21 11.18 19.20
C ILE A 57 -12.35 11.78 20.02
N ILE A 58 -12.46 13.10 20.00
CA ILE A 58 -13.50 13.77 20.80
C ILE A 58 -14.87 13.39 20.28
N THR A 59 -15.00 13.25 18.97
CA THR A 59 -16.30 12.90 18.40
C THR A 59 -16.74 11.49 18.79
N ASN A 60 -15.92 10.46 18.52
CA ASN A 60 -16.35 9.14 18.93
C ASN A 60 -16.53 9.07 20.42
N LEU A 61 -15.69 9.76 21.16
CA LEU A 61 -15.68 9.58 22.60
C LEU A 61 -16.93 10.18 23.20
N THR A 62 -17.43 11.25 22.58
CA THR A 62 -18.72 11.84 22.94
C THR A 62 -19.87 10.92 22.54
N GLU A 63 -19.82 10.38 21.32
CA GLU A 63 -20.86 9.47 20.86
C GLU A 63 -20.90 8.22 21.73
N GLY A 64 -19.75 7.59 21.99
CA GLY A 64 -19.73 6.35 22.76
C GLY A 64 -20.19 6.53 24.19
N ALA A 65 -19.93 7.69 24.79
CA ALA A 65 -20.36 7.88 26.18
C ALA A 65 -21.85 8.20 26.28
N SER A 66 -22.48 8.62 25.18
CA SER A 66 -23.91 8.94 25.22
C SER A 66 -24.77 7.69 25.08
N ARG A 67 -24.46 6.82 24.11
CA ARG A 67 -25.23 5.60 23.92
C ARG A 67 -25.12 4.68 25.13
N LYS A 68 -24.01 4.78 25.85
CA LYS A 68 -23.74 3.99 27.04
C LYS A 68 -24.21 4.66 28.31
N GLN A 69 -24.66 5.91 28.19
CA GLN A 69 -25.19 6.74 29.27
C GLN A 69 -24.25 6.77 30.48
N LEU A 70 -23.06 7.30 30.24
CA LEU A 70 -22.04 7.35 31.28
C LEU A 70 -22.14 8.70 31.97
N ARG A 71 -21.95 8.70 33.29
CA ARG A 71 -22.02 9.94 34.04
C ARG A 71 -20.71 10.27 34.73
N ASP A 72 -19.99 9.26 35.21
CA ASP A 72 -18.70 9.48 35.85
C ASP A 72 -17.62 9.64 34.77
N ALA A 73 -16.75 10.63 34.97
CA ALA A 73 -15.70 10.91 34.00
C ALA A 73 -14.62 9.84 33.98
N GLU A 74 -14.33 9.19 35.13
CA GLU A 74 -13.23 8.26 35.15
C GLU A 74 -13.53 6.96 34.41
N ALA A 75 -14.72 6.83 33.82
CA ALA A 75 -15.10 5.76 32.92
C ALA A 75 -14.76 6.05 31.47
N LEU A 76 -14.42 7.30 31.16
CA LEU A 76 -13.87 7.66 29.87
C LEU A 76 -12.45 7.15 29.65
N TYR A 77 -11.69 6.90 30.71
CA TYR A 77 -10.35 6.37 30.55
C TYR A 77 -10.33 5.13 29.66
N GLY A 78 -11.25 4.19 29.91
CA GLY A 78 -11.25 2.96 29.16
C GLY A 78 -11.63 3.17 27.71
N LEU A 79 -12.65 3.99 27.46
CA LEU A 79 -13.03 4.29 26.08
C LEU A 79 -11.91 5.01 25.34
N LEU A 80 -11.23 5.93 26.03
CA LEU A 80 -10.15 6.67 25.41
C LEU A 80 -8.97 5.76 25.08
N LYS A 81 -8.64 4.85 25.99
CA LYS A 81 -7.61 3.84 25.71
C LYS A 81 -7.93 3.10 24.42
N GLU A 82 -9.15 2.58 24.31
CA GLU A 82 -9.52 1.82 23.12
C GLU A 82 -9.50 2.71 21.89
N GLU A 83 -10.07 3.91 21.98
CA GLU A 83 -10.11 4.79 20.81
C GLU A 83 -8.71 5.09 20.29
N MET A 84 -7.76 5.32 21.20
CA MET A 84 -6.40 5.65 20.77
C MET A 84 -5.64 4.41 20.31
N GLY A 85 -5.98 3.25 20.86
CA GLY A 85 -5.34 2.01 20.43
C GLY A 85 -5.82 1.56 19.07
N GLU A 86 -7.04 1.93 18.68
CA GLU A 86 -7.51 1.64 17.33
C GLU A 86 -6.74 2.44 16.27
N ILE A 87 -6.38 3.70 16.58
CA ILE A 87 -5.59 4.49 15.64
C ILE A 87 -4.24 3.82 15.39
N LEU A 88 -3.59 3.38 16.45
CA LEU A 88 -2.25 2.78 16.32
C LEU A 88 -2.30 1.37 15.77
N ALA A 89 -3.41 0.65 15.95
CA ALA A 89 -3.49 -0.73 15.46
C ALA A 89 -3.58 -0.76 13.93
N LYS A 90 -4.16 0.26 13.32
CA LYS A 90 -4.20 0.34 11.86
C LYS A 90 -2.81 0.47 11.23
N VAL A 91 -1.78 0.87 11.97
CA VAL A 91 -0.46 0.96 11.36
C VAL A 91 0.53 0.02 12.02
N ASP A 92 0.02 -0.98 12.76
CA ASP A 92 0.86 -2.07 13.27
C ASP A 92 1.04 -3.12 12.18
N GLU A 93 2.26 -3.28 11.72
CA GLU A 93 2.61 -4.19 10.64
C GLU A 93 4.14 -4.26 10.54
N PRO A 94 4.77 -5.23 11.21
CA PRO A 94 6.24 -5.26 11.25
C PRO A 94 6.87 -5.50 9.89
N LEU A 95 8.00 -4.85 9.70
CA LEU A 95 8.83 -5.10 8.53
C LEU A 95 9.41 -6.51 8.57
N ASN A 96 9.30 -7.22 7.46
CA ASN A 96 9.87 -8.55 7.32
C ASN A 96 10.80 -8.52 6.13
N VAL A 97 12.09 -8.72 6.38
CA VAL A 97 13.13 -8.54 5.36
C VAL A 97 13.65 -9.90 4.83
N GLU A 98 12.85 -10.98 4.97
CA GLU A 98 13.38 -12.30 4.68
C GLU A 98 13.18 -12.66 3.21
N GLY A 99 13.98 -13.64 2.76
CA GLY A 99 13.73 -14.29 1.49
C GLY A 99 14.00 -13.48 0.23
N LYS A 100 14.87 -12.46 0.30
CA LYS A 100 15.29 -11.72 -0.90
C LYS A 100 16.80 -11.74 -1.00
N THR A 101 17.31 -11.34 -2.17
CA THR A 101 18.73 -11.53 -2.50
C THR A 101 19.22 -10.38 -3.38
N PRO A 102 19.39 -9.18 -2.80
CA PRO A 102 19.08 -8.83 -1.41
C PRO A 102 17.72 -8.13 -1.22
N PHE A 103 17.22 -8.11 0.01
CA PHE A 103 16.15 -7.18 0.35
C PHE A 103 16.73 -5.78 0.41
N VAL A 104 16.19 -4.85 -0.39
CA VAL A 104 16.69 -3.47 -0.48
C VAL A 104 15.80 -2.52 0.31
N ILE A 105 16.36 -1.87 1.33
CA ILE A 105 15.72 -0.78 2.05
C ILE A 105 16.27 0.54 1.53
N LEU A 106 15.36 1.45 1.16
CA LEU A 106 15.72 2.82 0.78
C LEU A 106 15.29 3.75 1.91
N MET A 107 16.26 4.41 2.53
CA MET A 107 16.03 5.28 3.69
C MET A 107 15.99 6.73 3.25
N VAL A 108 14.84 7.38 3.44
CA VAL A 108 14.66 8.78 3.06
C VAL A 108 14.25 9.57 4.30
N GLY A 109 14.43 10.88 4.22
CA GLY A 109 14.24 11.79 5.32
C GLY A 109 15.23 12.94 5.24
N VAL A 110 14.91 14.02 5.97
CA VAL A 110 15.80 15.19 6.06
C VAL A 110 16.90 14.94 7.09
N ASN A 111 17.98 15.71 6.99
CA ASN A 111 19.12 15.58 7.88
C ASN A 111 18.76 15.95 9.33
N GLY A 112 19.36 15.24 10.28
CA GLY A 112 19.15 15.46 11.69
C GLY A 112 18.08 14.61 12.34
N VAL A 113 17.25 13.88 11.56
CA VAL A 113 16.16 13.14 12.19
C VAL A 113 16.61 11.83 12.82
N GLY A 114 17.75 11.29 12.41
CA GLY A 114 18.24 10.03 12.92
C GLY A 114 18.37 8.93 11.89
N LYS A 115 18.45 9.29 10.60
CA LYS A 115 18.54 8.29 9.54
C LYS A 115 19.76 7.38 9.71
N THR A 116 20.95 7.97 9.83
CA THR A 116 22.16 7.15 9.85
C THR A 116 22.22 6.27 11.09
N THR A 117 21.87 6.83 12.25
CA THR A 117 21.74 6.03 13.46
C THR A 117 20.73 4.90 13.26
N THR A 118 19.61 5.20 12.61
CA THR A 118 18.62 4.15 12.40
C THR A 118 19.17 3.03 11.53
N ILE A 119 19.83 3.39 10.42
CA ILE A 119 20.48 2.40 9.56
C ILE A 119 21.48 1.56 10.35
N GLY A 120 22.25 2.19 11.23
CA GLY A 120 23.28 1.45 11.95
C GLY A 120 22.70 0.41 12.88
N LYS A 121 21.66 0.79 13.65
CA LYS A 121 21.00 -0.15 14.56
C LYS A 121 20.28 -1.26 13.80
N LEU A 122 19.48 -0.92 12.79
CA LEU A 122 18.93 -1.95 11.90
C LEU A 122 20.02 -2.90 11.41
N ALA A 123 21.13 -2.36 10.88
CA ALA A 123 22.18 -3.23 10.36
C ALA A 123 22.69 -4.19 11.43
N ARG A 124 22.89 -3.68 12.64
CA ARG A 124 23.36 -4.53 13.74
C ARG A 124 22.33 -5.59 14.12
N GLN A 125 21.06 -5.19 14.18
CA GLN A 125 20.03 -6.15 14.57
C GLN A 125 19.90 -7.27 13.55
N PHE A 126 19.92 -6.92 12.26
CA PHE A 126 19.89 -7.94 11.21
C PHE A 126 21.12 -8.84 11.30
N GLU A 127 22.30 -8.27 11.58
CA GLU A 127 23.47 -9.13 11.80
C GLU A 127 23.28 -10.07 12.99
N GLN A 128 22.65 -9.60 14.08
CA GLN A 128 22.43 -10.48 15.22
C GLN A 128 21.51 -11.63 14.86
N GLN A 129 20.64 -11.46 13.88
CA GLN A 129 19.73 -12.51 13.45
C GLN A 129 20.36 -13.44 12.42
N GLY A 130 21.67 -13.33 12.20
CA GLY A 130 22.33 -14.20 11.24
C GLY A 130 22.12 -13.83 9.78
N LYS A 131 21.69 -12.61 9.48
CA LYS A 131 21.62 -12.14 8.12
C LYS A 131 22.88 -11.35 7.79
N SER A 132 23.27 -11.34 6.52
CA SER A 132 24.38 -10.51 6.06
C SER A 132 23.83 -9.19 5.55
N VAL A 133 24.53 -8.12 5.88
CA VAL A 133 24.07 -6.76 5.65
C VAL A 133 25.13 -5.97 4.91
N MET A 134 24.68 -5.11 3.99
CA MET A 134 25.53 -4.18 3.28
C MET A 134 24.88 -2.80 3.23
N LEU A 135 25.70 -1.77 3.41
CA LEU A 135 25.26 -0.38 3.38
C LEU A 135 25.74 0.33 2.12
N ALA A 136 24.92 1.25 1.61
CA ALA A 136 25.30 2.12 0.51
C ALA A 136 25.32 3.57 0.99
N ALA A 137 26.47 4.23 0.85
CA ALA A 137 26.60 5.64 1.23
C ALA A 137 26.10 6.54 0.10
N GLY A 138 24.77 6.62 -0.03
CA GLY A 138 24.15 7.46 -1.04
C GLY A 138 24.03 8.95 -0.70
N ASP A 139 24.60 9.41 0.41
CA ASP A 139 24.67 10.87 0.69
C ASP A 139 26.06 11.33 0.22
N THR A 140 26.27 11.44 -1.10
CA THR A 140 27.60 11.68 -1.72
C THR A 140 28.28 13.02 -1.38
N PHE A 141 27.54 14.11 -1.33
CA PHE A 141 28.13 15.46 -1.10
C PHE A 141 28.69 15.61 0.31
N ARG A 142 28.13 14.91 1.31
CA ARG A 142 28.58 15.02 2.71
C ARG A 142 29.74 14.05 2.96
N ALA A 143 30.99 14.50 2.74
CA ALA A 143 32.19 13.65 2.85
C ALA A 143 32.49 13.13 4.25
N ALA A 144 32.30 13.96 5.27
CA ALA A 144 32.58 13.54 6.67
C ALA A 144 31.67 12.40 7.06
N ALA A 145 30.41 12.46 6.66
CA ALA A 145 29.46 11.36 6.92
C ALA A 145 29.89 10.11 6.18
N VAL A 146 30.38 10.26 4.96
CA VAL A 146 30.78 9.08 4.15
C VAL A 146 31.98 8.43 4.84
N GLU A 147 32.91 9.23 5.35
CA GLU A 147 34.10 8.69 6.06
C GLU A 147 33.68 8.01 7.36
N GLN A 148 32.77 8.62 8.12
CA GLN A 148 32.35 8.03 9.41
C GLN A 148 31.62 6.68 9.17
N LEU A 149 30.79 6.58 8.14
CA LEU A 149 30.07 5.32 7.82
C LEU A 149 31.07 4.24 7.42
N GLN A 150 32.11 4.62 6.69
CA GLN A 150 33.15 3.65 6.28
C GLN A 150 33.87 3.16 7.53
N VAL A 151 34.19 4.08 8.45
CA VAL A 151 34.88 3.71 9.71
C VAL A 151 33.95 2.83 10.56
N TRP A 152 32.67 3.17 10.62
CA TRP A 152 31.69 2.38 11.41
C TRP A 152 31.63 0.95 10.85
N GLY A 153 31.70 0.82 9.53
CA GLY A 153 31.69 -0.50 8.89
C GLY A 153 32.88 -1.36 9.24
N GLN A 154 34.06 -0.75 9.27
CA GLN A 154 35.28 -1.50 9.59
C GLN A 154 35.20 -2.00 11.03
N ARG A 155 34.71 -1.15 11.94
CA ARG A 155 34.55 -1.54 13.35
C ARG A 155 33.51 -2.66 13.50
N ASN A 156 32.42 -2.60 12.74
CA ASN A 156 31.31 -3.57 12.93
C ASN A 156 31.36 -4.72 11.90
N ASN A 157 32.41 -4.79 11.08
CA ASN A 157 32.56 -5.85 10.04
C ASN A 157 31.39 -5.84 9.05
N ILE A 158 30.89 -4.65 8.69
CA ILE A 158 29.76 -4.53 7.73
C ILE A 158 30.25 -3.80 6.46
N PRO A 159 30.18 -4.38 5.23
CA PRO A 159 30.70 -3.69 4.04
C PRO A 159 29.89 -2.44 3.70
N VAL A 160 30.61 -1.40 3.31
CA VAL A 160 30.02 -0.11 2.98
C VAL A 160 30.48 0.25 1.58
N ILE A 161 29.54 0.55 0.71
CA ILE A 161 29.84 0.87 -0.68
C ILE A 161 29.76 2.38 -0.81
N ALA A 162 30.87 2.98 -1.22
CA ALA A 162 31.00 4.43 -1.34
C ALA A 162 31.77 4.75 -2.61
N GLN A 163 31.73 6.03 -2.97
CA GLN A 163 32.52 6.60 -4.06
C GLN A 163 33.07 7.96 -3.63
N HIS A 164 33.71 8.65 -4.58
CA HIS A 164 34.30 9.96 -4.30
C HIS A 164 33.22 10.99 -3.99
N THR A 165 33.62 12.05 -3.27
CA THR A 165 32.71 13.12 -2.91
C THR A 165 32.04 13.71 -4.15
N GLY A 166 30.73 13.96 -4.06
CA GLY A 166 29.98 14.52 -5.17
C GLY A 166 29.58 13.55 -6.25
N ALA A 167 29.68 12.24 -6.00
CA ALA A 167 29.36 11.29 -7.06
C ALA A 167 27.84 11.15 -7.22
N ASP A 168 27.45 10.48 -8.29
CA ASP A 168 26.03 10.26 -8.55
C ASP A 168 25.48 9.21 -7.58
N SER A 169 24.50 9.62 -6.76
CA SER A 169 23.89 8.70 -5.82
C SER A 169 23.36 7.45 -6.52
N ALA A 170 22.67 7.62 -7.65
CA ALA A 170 22.13 6.46 -8.35
C ALA A 170 23.22 5.49 -8.81
N SER A 171 24.42 6.00 -9.10
CA SER A 171 25.53 5.13 -9.43
C SER A 171 26.05 4.36 -8.21
N VAL A 172 26.22 5.05 -7.08
CA VAL A 172 26.59 4.39 -5.83
C VAL A 172 25.61 3.27 -5.50
N ILE A 173 24.32 3.56 -5.64
CA ILE A 173 23.30 2.57 -5.29
C ILE A 173 23.35 1.39 -6.26
N PHE A 174 23.50 1.70 -7.55
CA PHE A 174 23.65 0.65 -8.56
C PHE A 174 24.80 -0.30 -8.24
N ASP A 175 25.97 0.26 -7.92
CA ASP A 175 27.12 -0.57 -7.58
C ASP A 175 26.86 -1.42 -6.34
N ALA A 176 26.17 -0.86 -5.34
CA ALA A 176 25.91 -1.62 -4.12
C ALA A 176 24.99 -2.81 -4.39
N ILE A 177 24.00 -2.63 -5.26
CA ILE A 177 23.10 -3.75 -5.58
C ILE A 177 23.84 -4.84 -6.35
N GLN A 178 24.76 -4.45 -7.23
CA GLN A 178 25.56 -5.47 -7.89
C GLN A 178 26.49 -6.18 -6.91
N ALA A 179 27.18 -5.42 -6.04
CA ALA A 179 28.06 -6.07 -5.09
C ALA A 179 27.29 -6.90 -4.07
N ALA A 180 26.09 -6.47 -3.65
CA ALA A 180 25.26 -7.30 -2.78
C ALA A 180 24.87 -8.62 -3.46
N LYS A 181 24.58 -8.58 -4.78
CA LYS A 181 24.19 -9.81 -5.47
C LYS A 181 25.39 -10.74 -5.65
N ALA A 182 26.56 -10.19 -5.92
CA ALA A 182 27.72 -11.05 -6.11
C ALA A 182 28.16 -11.70 -4.80
N ARG A 183 27.88 -11.06 -3.66
CA ARG A 183 28.37 -11.52 -2.36
C ARG A 183 27.29 -12.16 -1.49
N ASN A 184 26.13 -12.51 -2.05
CA ASN A 184 25.04 -13.17 -1.32
C ASN A 184 24.60 -12.37 -0.09
N ILE A 185 24.43 -11.07 -0.27
CA ILE A 185 23.96 -10.24 0.84
C ILE A 185 22.45 -10.37 0.98
N ASP A 186 21.96 -10.55 2.22
CA ASP A 186 20.52 -10.69 2.40
C ASP A 186 19.82 -9.33 2.45
N VAL A 187 20.47 -8.32 3.03
CA VAL A 187 19.86 -7.01 3.25
C VAL A 187 20.83 -5.93 2.81
N LEU A 188 20.35 -5.04 1.95
CA LEU A 188 21.09 -3.88 1.50
C LEU A 188 20.31 -2.65 1.91
N ILE A 189 20.95 -1.76 2.67
CA ILE A 189 20.34 -0.54 3.19
C ILE A 189 21.05 0.67 2.58
N ALA A 190 20.26 1.55 1.97
CA ALA A 190 20.79 2.69 1.21
C ALA A 190 20.41 4.00 1.88
N ASP A 191 21.44 4.75 2.30
CA ASP A 191 21.21 6.10 2.86
C ASP A 191 21.05 7.07 1.70
N THR A 192 20.38 8.18 1.93
CA THR A 192 20.11 9.16 0.86
C THR A 192 20.38 10.56 1.42
N ALA A 193 20.49 11.54 0.55
CA ALA A 193 20.66 12.94 0.98
C ALA A 193 19.40 13.43 1.69
N GLY A 194 19.53 14.45 2.53
CA GLY A 194 18.38 14.99 3.28
C GLY A 194 18.35 16.49 3.32
N ARG A 195 18.62 17.16 2.20
CA ARG A 195 18.51 18.63 2.15
C ARG A 195 17.29 18.98 1.31
N LEU A 196 16.34 19.70 1.89
CA LEU A 196 15.06 19.99 1.19
C LEU A 196 15.22 21.29 0.40
N GLN A 197 16.42 21.86 0.40
CA GLN A 197 16.69 23.05 -0.42
C GLN A 197 16.40 22.67 -1.88
N ASN A 198 15.76 23.54 -2.64
CA ASN A 198 15.35 23.21 -4.03
C ASN A 198 16.54 22.91 -4.94
N LYS A 199 17.65 23.62 -4.77
CA LYS A 199 18.82 23.43 -5.67
C LYS A 199 19.34 22.00 -5.50
N SER A 200 19.08 21.38 -4.36
CA SER A 200 19.47 19.97 -4.11
C SER A 200 18.67 19.01 -5.00
N HIS A 201 17.41 19.34 -5.34
CA HIS A 201 16.55 18.48 -6.21
C HIS A 201 16.40 17.08 -5.61
N LEU A 202 16.12 16.97 -4.32
CA LEU A 202 16.10 15.65 -3.62
C LEU A 202 15.03 14.70 -4.18
N MET A 203 13.82 15.18 -4.40
CA MET A 203 12.74 14.28 -4.86
C MET A 203 13.07 13.69 -6.23
N GLU A 204 13.63 14.51 -7.13
CA GLU A 204 14.08 14.02 -8.46
C GLU A 204 15.24 13.05 -8.26
N GLU A 205 16.11 13.35 -7.33
CA GLU A 205 17.26 12.47 -7.05
C GLU A 205 16.74 11.14 -6.53
N LEU A 206 15.72 11.19 -5.67
CA LEU A 206 15.16 9.95 -5.16
C LEU A 206 14.48 9.13 -6.26
N LYS A 207 13.82 9.80 -7.21
CA LYS A 207 13.17 9.06 -8.31
C LYS A 207 14.20 8.40 -9.20
N LYS A 208 15.33 9.06 -9.43
CA LYS A 208 16.38 8.48 -10.26
C LYS A 208 16.98 7.24 -9.62
N ILE A 209 17.17 7.27 -8.29
CA ILE A 209 17.61 6.09 -7.54
C ILE A 209 16.65 4.91 -7.74
N VAL A 210 15.34 5.16 -7.65
CA VAL A 210 14.39 4.05 -7.76
C VAL A 210 14.42 3.47 -9.17
N ARG A 211 14.57 4.35 -10.17
CA ARG A 211 14.63 3.91 -11.56
C ARG A 211 15.88 3.06 -11.81
N VAL A 212 17.04 3.50 -11.32
CA VAL A 212 18.24 2.69 -11.46
C VAL A 212 18.10 1.35 -10.76
N MET A 213 17.47 1.32 -9.58
CA MET A 213 17.24 0.07 -8.88
C MET A 213 16.42 -0.91 -9.72
N LYS A 214 15.47 -0.42 -10.50
CA LYS A 214 14.59 -1.35 -11.20
C LYS A 214 15.25 -1.98 -12.41
N LYS A 215 16.37 -1.40 -12.86
CA LYS A 215 17.08 -2.01 -13.98
C LYS A 215 17.77 -3.30 -13.57
N LEU A 216 17.88 -3.54 -12.27
CA LEU A 216 18.56 -4.69 -11.70
C LEU A 216 17.62 -5.64 -10.98
N ASP A 217 16.54 -5.12 -10.41
CA ASP A 217 15.52 -5.97 -9.78
C ASP A 217 14.23 -5.15 -9.74
N VAL A 218 13.24 -5.58 -10.51
CA VAL A 218 12.03 -4.77 -10.66
C VAL A 218 11.26 -4.69 -9.35
N GLU A 219 11.56 -5.59 -8.41
CA GLU A 219 10.92 -5.55 -7.10
C GLU A 219 11.55 -4.51 -6.17
N ALA A 220 12.80 -4.09 -6.44
CA ALA A 220 13.47 -3.15 -5.58
C ALA A 220 13.00 -1.73 -5.89
N PRO A 221 12.93 -0.86 -4.89
CA PRO A 221 13.24 -1.15 -3.47
C PRO A 221 12.11 -1.90 -2.79
N HIS A 222 12.42 -2.93 -2.04
CA HIS A 222 11.40 -3.73 -1.33
C HIS A 222 10.73 -2.87 -0.25
N GLU A 223 11.46 -1.91 0.32
CA GLU A 223 10.87 -0.98 1.30
C GLU A 223 11.35 0.46 1.11
N VAL A 224 10.43 1.41 1.08
CA VAL A 224 10.82 2.85 1.09
C VAL A 224 10.49 3.34 2.50
N MET A 225 11.51 3.59 3.32
CA MET A 225 11.27 3.94 4.73
C MET A 225 11.62 5.38 5.04
N LEU A 226 10.66 6.12 5.56
CA LEU A 226 10.92 7.50 6.00
C LEU A 226 11.35 7.51 7.48
N THR A 227 12.39 8.25 7.79
CA THR A 227 12.76 8.45 9.20
C THR A 227 12.34 9.88 9.58
N ILE A 228 11.53 10.00 10.62
CA ILE A 228 11.07 11.34 11.12
C ILE A 228 11.30 11.40 12.63
N ASP A 229 11.30 12.61 13.19
CA ASP A 229 11.62 12.80 14.63
C ASP A 229 10.39 13.31 15.38
N ALA A 230 10.05 12.67 16.50
CA ALA A 230 8.89 13.03 17.34
C ALA A 230 9.03 14.43 17.93
N SER A 231 10.25 14.87 18.21
CA SER A 231 10.53 16.22 18.77
C SER A 231 10.14 17.36 17.82
N THR A 232 10.04 17.10 16.52
CA THR A 232 9.77 18.16 15.52
C THR A 232 8.30 18.56 15.49
N GLY A 233 7.45 17.85 16.22
CA GLY A 233 6.01 18.12 16.19
C GLY A 233 5.42 17.90 14.81
N GLN A 234 4.65 18.86 14.31
CA GLN A 234 3.94 18.71 13.01
C GLN A 234 4.93 18.72 11.84
N ASN A 235 6.16 19.18 12.05
CA ASN A 235 7.18 19.15 10.98
C ASN A 235 7.35 17.69 10.50
N ALA A 236 7.22 16.73 11.41
CA ALA A 236 7.29 15.31 11.00
C ALA A 236 6.13 14.95 10.08
N VAL A 237 4.93 15.45 10.36
CA VAL A 237 3.74 15.20 9.51
C VAL A 237 3.98 15.87 8.14
N SER A 238 4.52 17.09 8.15
CA SER A 238 4.79 17.84 6.90
C SER A 238 5.80 17.07 6.04
N GLN A 239 6.84 16.53 6.67
CA GLN A 239 7.87 15.77 5.94
C GLN A 239 7.25 14.50 5.37
N ALA A 240 6.38 13.87 6.15
CA ALA A 240 5.78 12.60 5.70
C ALA A 240 4.99 12.86 4.43
N LYS A 241 4.26 13.97 4.39
CA LYS A 241 3.45 14.31 3.20
C LYS A 241 4.37 14.54 2.00
N LEU A 242 5.46 15.28 2.18
CA LEU A 242 6.32 15.61 1.02
C LEU A 242 6.90 14.33 0.42
N PHE A 243 7.46 13.46 1.25
CA PHE A 243 8.09 12.22 0.75
C PHE A 243 7.05 11.25 0.19
N HIS A 244 5.89 11.12 0.84
CA HIS A 244 4.84 10.17 0.41
C HIS A 244 4.30 10.52 -0.98
N GLU A 245 4.02 11.79 -1.22
CA GLU A 245 3.53 12.25 -2.54
C GLU A 245 4.60 12.04 -3.61
N ALA A 246 5.86 12.26 -3.27
CA ALA A 246 6.94 12.21 -4.27
C ALA A 246 7.37 10.78 -4.64
N VAL A 247 7.55 9.91 -3.68
CA VAL A 247 8.09 8.55 -3.99
C VAL A 247 7.16 7.43 -3.54
N GLY A 248 6.33 7.67 -2.53
CA GLY A 248 5.49 6.60 -1.99
C GLY A 248 6.18 5.85 -0.87
N LEU A 249 5.77 6.12 0.35
CA LEU A 249 6.38 5.44 1.52
C LEU A 249 5.66 4.13 1.81
N THR A 250 6.42 3.08 2.11
CA THR A 250 5.86 1.78 2.53
C THR A 250 6.08 1.62 4.04
N GLY A 251 6.92 2.47 4.62
CA GLY A 251 7.26 2.32 6.04
C GLY A 251 7.67 3.62 6.69
N ILE A 252 7.52 3.67 8.01
CA ILE A 252 7.90 4.89 8.78
C ILE A 252 8.65 4.51 10.05
N THR A 253 9.80 5.14 10.29
CA THR A 253 10.53 5.01 11.55
C THR A 253 10.46 6.35 12.29
N LEU A 254 9.87 6.34 13.47
CA LEU A 254 9.71 7.54 14.27
C LEU A 254 10.75 7.48 15.39
N THR A 255 11.75 8.37 15.32
CA THR A 255 12.81 8.39 16.32
C THR A 255 12.54 9.38 17.45
N LYS A 256 13.36 9.27 18.51
CA LYS A 256 13.38 10.29 19.60
C LYS A 256 12.09 10.45 20.40
N LEU A 257 11.35 9.38 20.70
CA LEU A 257 10.17 9.47 21.58
C LEU A 257 10.65 9.83 22.98
N ASP A 258 11.80 9.29 23.38
CA ASP A 258 12.41 9.65 24.68
C ASP A 258 12.79 11.12 24.63
N GLY A 259 12.71 11.82 25.75
CA GLY A 259 13.16 13.22 25.73
C GLY A 259 12.21 14.16 25.00
N THR A 260 10.95 13.77 24.81
CA THR A 260 9.96 14.72 24.25
C THR A 260 8.62 14.51 24.95
N ALA A 261 7.87 15.59 25.14
CA ALA A 261 6.52 15.46 25.71
C ALA A 261 5.52 15.48 24.54
N LYS A 262 6.00 15.60 23.31
CA LYS A 262 5.13 15.55 22.11
C LYS A 262 5.00 14.13 21.57
N GLY A 263 4.36 13.24 22.31
CA GLY A 263 4.17 11.84 21.86
C GLY A 263 2.94 11.70 21.00
N GLY A 264 2.15 12.76 20.88
CA GLY A 264 0.92 12.75 20.07
C GLY A 264 1.22 12.64 18.59
N VAL A 265 2.44 12.92 18.18
CA VAL A 265 2.82 12.90 16.75
C VAL A 265 2.57 11.50 16.17
N ILE A 266 2.82 10.45 16.95
CA ILE A 266 2.62 9.04 16.47
C ILE A 266 1.14 8.85 16.10
N PHE A 267 0.23 9.40 16.87
CA PHE A 267 -1.21 9.33 16.56
C PHE A 267 -1.53 10.14 15.30
N SER A 268 -0.94 11.32 15.17
CA SER A 268 -1.20 12.19 13.99
C SER A 268 -0.70 11.54 12.70
N VAL A 269 0.50 11.00 12.72
CA VAL A 269 1.08 10.34 11.52
C VAL A 269 0.24 9.11 11.18
N ALA A 270 -0.17 8.37 12.21
CA ALA A 270 -0.93 7.12 11.99
C ALA A 270 -2.27 7.44 11.34
N ASP A 271 -2.97 8.42 11.87
CA ASP A 271 -4.32 8.75 11.37
C ASP A 271 -4.28 9.35 9.96
N GLN A 272 -3.38 10.30 9.70
CA GLN A 272 -3.36 11.01 8.39
C GLN A 272 -2.89 10.15 7.23
N PHE A 273 -1.89 9.32 7.43
CA PHE A 273 -1.28 8.61 6.28
C PHE A 273 -1.67 7.13 6.20
N GLY A 274 -1.79 6.45 7.32
CA GLY A 274 -2.10 5.02 7.32
C GLY A 274 -0.90 4.19 6.89
N ILE A 275 0.27 4.81 6.87
CA ILE A 275 1.50 4.11 6.44
C ILE A 275 2.02 3.33 7.64
N PRO A 276 2.36 2.04 7.48
CA PRO A 276 2.81 1.24 8.60
C PRO A 276 4.00 1.85 9.35
N ILE A 277 3.93 1.89 10.68
CA ILE A 277 5.08 2.38 11.48
C ILE A 277 5.91 1.15 11.83
N ARG A 278 6.96 0.92 11.07
CA ARG A 278 7.82 -0.25 11.27
C ARG A 278 8.62 -0.15 12.56
N TYR A 279 9.19 1.01 12.83
CA TYR A 279 10.11 1.12 14.00
C TYR A 279 9.96 2.41 14.81
N ILE A 280 10.16 2.29 16.12
CA ILE A 280 10.14 3.48 17.01
C ILE A 280 11.49 3.59 17.72
N GLY A 281 12.07 4.79 17.73
CA GLY A 281 13.35 5.03 18.41
C GLY A 281 13.15 5.64 19.78
N VAL A 282 13.63 4.99 20.81
CA VAL A 282 13.37 5.45 22.21
C VAL A 282 14.66 5.62 23.01
N GLY A 283 15.82 5.67 22.34
CA GLY A 283 17.08 5.75 23.10
C GLY A 283 18.34 5.58 22.29
N GLU A 284 19.48 5.45 22.97
CA GLU A 284 20.79 5.42 22.27
C GLU A 284 21.34 4.00 22.15
N ARG A 285 20.59 3.01 22.61
CA ARG A 285 21.05 1.64 22.43
C ARG A 285 20.46 0.95 21.19
N ILE A 286 21.13 -0.13 20.79
CA ILE A 286 20.72 -0.89 19.62
C ILE A 286 19.27 -1.35 19.77
N GLU A 287 18.96 -2.02 20.88
CA GLU A 287 17.60 -2.46 21.18
C GLU A 287 16.64 -1.29 21.47
N ASP A 288 17.13 -0.05 21.56
CA ASP A 288 16.22 1.09 21.68
C ASP A 288 15.61 1.50 20.35
N LEU A 289 16.01 0.92 19.20
CA LEU A 289 15.22 0.97 17.97
C LEU A 289 14.37 -0.30 17.94
N ARG A 290 13.10 -0.13 18.17
CA ARG A 290 12.23 -1.25 18.46
C ARG A 290 11.22 -1.45 17.36
N PRO A 291 10.90 -2.68 17.00
CA PRO A 291 9.72 -2.92 16.16
C PRO A 291 8.50 -2.37 16.85
N PHE A 292 7.70 -1.59 16.12
CA PHE A 292 6.54 -0.96 16.73
C PHE A 292 5.40 -1.97 16.87
N LYS A 293 4.93 -2.18 18.10
CA LYS A 293 3.76 -3.01 18.36
C LYS A 293 2.70 -2.20 19.10
N ALA A 294 1.57 -1.95 18.44
CA ALA A 294 0.61 -0.98 18.95
C ALA A 294 0.09 -1.35 20.34
N ASP A 295 -0.14 -2.64 20.59
CA ASP A 295 -0.71 -3.07 21.87
C ASP A 295 0.21 -2.72 23.03
N ASP A 296 1.51 -3.01 22.89
CA ASP A 296 2.47 -2.67 23.93
C ASP A 296 2.57 -1.16 24.10
N PHE A 297 2.62 -0.44 22.98
CA PHE A 297 2.76 1.00 23.07
C PHE A 297 1.61 1.61 23.87
N ILE A 298 0.39 1.13 23.64
CA ILE A 298 -0.76 1.66 24.35
C ILE A 298 -0.72 1.25 25.81
N GLU A 299 -0.34 0.01 26.08
CA GLU A 299 -0.24 -0.44 27.46
C GLU A 299 0.77 0.40 28.24
N ALA A 300 1.96 0.65 27.68
CA ALA A 300 2.95 1.45 28.37
C ALA A 300 2.49 2.89 28.53
N LEU A 301 1.80 3.42 27.52
CA LEU A 301 1.32 4.80 27.58
C LEU A 301 0.25 4.98 28.66
N PHE A 302 -0.63 4.00 28.85
CA PHE A 302 -1.78 4.10 29.75
C PHE A 302 -1.56 3.41 31.10
N ALA A 303 -0.43 2.75 31.31
CA ALA A 303 -0.15 2.09 32.58
C ALA A 303 -0.06 3.10 33.72
N ARG A 304 -0.58 2.72 34.89
CA ARG A 304 -0.51 3.53 36.10
C ARG A 304 0.90 3.55 36.69
N GLY B 3 2.64 -5.04 1.23
CA GLY B 3 2.58 -3.66 1.68
C GLY B 3 1.17 -3.18 1.93
N PHE B 4 0.99 -2.40 2.99
CA PHE B 4 -0.34 -1.93 3.43
C PHE B 4 -1.28 -3.11 3.65
N PHE B 5 -0.78 -4.14 4.33
CA PHE B 5 -1.58 -5.33 4.57
C PHE B 5 -2.77 -5.03 5.46
N ALA B 6 -2.57 -4.22 6.50
CA ALA B 6 -3.67 -3.90 7.41
C ALA B 6 -4.79 -3.18 6.67
N ARG B 7 -4.44 -2.27 5.79
CA ARG B 7 -5.45 -1.51 5.07
C ARG B 7 -6.20 -2.39 4.09
N LEU B 8 -5.55 -3.46 3.59
CA LEU B 8 -6.25 -4.40 2.72
C LEU B 8 -7.29 -5.20 3.51
N LYS B 9 -6.93 -5.61 4.73
CA LYS B 9 -7.89 -6.29 5.60
C LYS B 9 -9.08 -5.39 5.94
N ARG B 10 -8.81 -4.14 6.33
CA ARG B 10 -9.90 -3.22 6.62
C ARG B 10 -10.81 -3.02 5.42
N SER B 11 -10.25 -2.95 4.21
CA SER B 11 -11.07 -2.69 3.03
C SER B 11 -11.97 -3.86 2.64
N LEU B 12 -11.62 -5.08 3.04
CA LEU B 12 -12.45 -6.26 2.76
C LEU B 12 -13.50 -6.51 3.83
N LEU B 13 -13.74 -5.55 4.72
CA LEU B 13 -14.60 -5.78 5.88
C LEU B 13 -15.98 -6.30 5.49
N LYS B 14 -16.60 -5.67 4.49
CA LYS B 14 -17.96 -6.03 4.11
C LYS B 14 -18.03 -7.37 3.40
N THR B 15 -17.08 -7.63 2.52
CA THR B 15 -16.97 -8.96 1.93
C THR B 15 -16.73 -10.02 2.98
N LYS B 16 -15.96 -9.72 4.04
CA LYS B 16 -15.65 -10.71 5.07
C LYS B 16 -16.85 -11.12 5.91
N GLU B 17 -17.99 -10.42 5.80
CA GLU B 17 -19.18 -10.88 6.50
C GLU B 17 -19.68 -12.22 5.93
N ASN B 18 -19.59 -12.41 4.61
CA ASN B 18 -20.05 -13.62 3.95
C ASN B 18 -18.92 -14.58 3.56
N LEU B 19 -17.79 -14.07 3.06
CA LEU B 19 -16.68 -14.90 2.59
C LEU B 19 -15.53 -14.92 3.60
N GLY B 20 -14.67 -15.93 3.45
CA GLY B 20 -13.50 -16.09 4.30
C GLY B 20 -13.81 -16.27 5.77
N SER B 21 -13.46 -15.27 6.58
CA SER B 21 -13.75 -15.33 8.01
C SER B 21 -15.24 -15.33 8.31
N GLY B 22 -16.08 -14.98 7.35
CA GLY B 22 -17.54 -15.07 7.54
C GLY B 22 -18.05 -16.49 7.52
N PHE B 23 -17.20 -17.45 7.18
CA PHE B 23 -17.58 -18.88 7.18
C PHE B 23 -17.35 -19.52 8.56
N ILE B 24 -16.62 -18.85 9.44
CA ILE B 24 -16.29 -19.48 10.76
C ILE B 24 -17.59 -19.74 11.53
N SER B 25 -18.51 -18.78 11.50
CA SER B 25 -19.79 -18.91 12.23
C SER B 25 -20.58 -20.10 11.68
N LEU B 26 -20.56 -20.29 10.36
CA LEU B 26 -21.29 -21.40 9.72
C LEU B 26 -20.74 -22.75 10.19
N PHE B 27 -19.42 -22.87 10.33
CA PHE B 27 -18.83 -24.19 10.67
C PHE B 27 -18.81 -24.42 12.19
N ARG B 28 -19.07 -23.38 12.97
CA ARG B 28 -18.90 -23.50 14.44
C ARG B 28 -19.83 -24.54 15.03
N GLY B 29 -19.28 -25.44 15.86
CA GLY B 29 -20.09 -26.45 16.55
C GLY B 29 -20.87 -27.32 15.60
N LYS B 30 -20.26 -27.70 14.48
CA LYS B 30 -21.05 -28.45 13.48
C LYS B 30 -20.26 -29.66 12.99
N LYS B 31 -20.98 -30.64 12.45
CA LYS B 31 -20.34 -31.86 11.91
C LYS B 31 -20.42 -31.77 10.39
N ILE B 32 -19.60 -32.57 9.69
CA ILE B 32 -19.56 -32.50 8.21
C ILE B 32 -20.70 -33.35 7.69
N ASP B 33 -21.74 -32.69 7.18
CA ASP B 33 -22.94 -33.36 6.65
C ASP B 33 -23.27 -32.65 5.33
N ASP B 34 -24.09 -33.27 4.50
CA ASP B 34 -24.42 -32.69 3.16
C ASP B 34 -25.13 -31.35 3.35
N ASP B 35 -25.83 -31.18 4.46
CA ASP B 35 -26.56 -29.92 4.73
C ASP B 35 -25.57 -28.75 4.84
N LEU B 36 -24.42 -28.95 5.48
CA LEU B 36 -23.40 -27.88 5.61
C LEU B 36 -22.86 -27.52 4.23
N PHE B 37 -22.58 -28.51 3.40
CA PHE B 37 -22.06 -28.26 2.03
C PHE B 37 -23.11 -27.51 1.24
N GLU B 38 -24.39 -27.85 1.40
CA GLU B 38 -25.49 -27.12 0.72
C GLU B 38 -25.61 -25.69 1.24
N GLU B 39 -25.44 -25.50 2.54
CA GLU B 39 -25.47 -24.15 3.14
C GLU B 39 -24.21 -23.41 2.68
N LEU B 40 -23.05 -24.07 2.78
CA LEU B 40 -21.88 -23.45 2.20
C LEU B 40 -22.14 -23.06 0.75
N GLU B 41 -22.84 -23.92 -0.02
CA GLU B 41 -23.02 -23.60 -1.41
C GLU B 41 -23.94 -22.40 -1.64
N GLU B 42 -24.95 -22.22 -0.81
CA GLU B 42 -25.72 -21.02 -0.98
C GLU B 42 -24.85 -19.81 -0.71
N GLN B 43 -24.07 -19.88 0.37
CA GLN B 43 -23.35 -18.71 0.83
C GLN B 43 -22.39 -18.23 -0.24
N LEU B 44 -21.67 -19.14 -0.88
CA LEU B 44 -20.82 -18.79 -2.01
C LEU B 44 -21.63 -18.18 -3.15
N LEU B 45 -22.79 -18.76 -3.48
CA LEU B 45 -23.56 -18.20 -4.59
C LEU B 45 -24.07 -16.81 -4.23
N ILE B 46 -24.51 -16.61 -2.99
CA ILE B 46 -24.96 -15.29 -2.56
C ILE B 46 -23.84 -14.26 -2.71
N ALA B 47 -22.61 -14.64 -2.33
CA ALA B 47 -21.46 -13.75 -2.36
C ALA B 47 -20.90 -13.51 -3.77
N ASP B 48 -21.58 -14.01 -4.80
CA ASP B 48 -21.25 -13.82 -6.21
C ASP B 48 -19.99 -14.59 -6.63
N VAL B 49 -19.69 -15.72 -6.00
CA VAL B 49 -18.54 -16.52 -6.43
C VAL B 49 -18.76 -17.14 -7.81
N GLY B 50 -20.01 -17.36 -8.23
CA GLY B 50 -20.23 -17.89 -9.57
C GLY B 50 -20.58 -19.37 -9.61
N VAL B 51 -21.52 -19.77 -10.48
CA VAL B 51 -22.06 -21.12 -10.45
C VAL B 51 -20.95 -22.15 -10.69
N GLU B 52 -20.19 -22.01 -11.77
CA GLU B 52 -19.17 -23.04 -12.09
C GLU B 52 -18.05 -23.08 -11.02
N THR B 53 -17.60 -21.92 -10.56
CA THR B 53 -16.52 -21.83 -9.54
C THR B 53 -16.97 -22.45 -8.22
N THR B 54 -18.23 -22.22 -7.85
CA THR B 54 -18.77 -22.78 -6.59
C THR B 54 -18.77 -24.31 -6.65
N ARG B 55 -19.18 -24.89 -7.78
CA ARG B 55 -19.24 -26.37 -7.88
C ARG B 55 -17.83 -26.94 -7.73
N LYS B 56 -16.85 -26.28 -8.34
CA LYS B 56 -15.45 -26.75 -8.27
C LYS B 56 -14.97 -26.69 -6.83
N ILE B 57 -15.29 -25.61 -6.12
CA ILE B 57 -14.89 -25.49 -4.70
C ILE B 57 -15.59 -26.56 -3.86
N ILE B 58 -16.90 -26.76 -4.06
CA ILE B 58 -17.66 -27.73 -3.24
C ILE B 58 -17.18 -29.14 -3.54
N THR B 59 -16.98 -29.45 -4.82
CA THR B 59 -16.50 -30.79 -5.20
C THR B 59 -15.10 -31.04 -4.65
N ASN B 60 -14.21 -30.04 -4.74
CA ASN B 60 -12.81 -30.24 -4.32
C ASN B 60 -12.75 -30.30 -2.80
N LEU B 61 -13.57 -29.49 -2.14
CA LEU B 61 -13.65 -29.54 -0.69
C LEU B 61 -14.20 -30.89 -0.22
N THR B 62 -15.31 -31.34 -0.83
CA THR B 62 -15.92 -32.61 -0.45
C THR B 62 -14.95 -33.77 -0.60
N GLU B 63 -14.39 -33.95 -1.80
CA GLU B 63 -13.34 -34.95 -2.00
C GLU B 63 -12.19 -34.77 -1.00
N GLY B 64 -11.77 -33.53 -0.79
CA GLY B 64 -10.61 -33.28 0.06
C GLY B 64 -10.82 -33.68 1.50
N ALA B 65 -12.03 -33.48 2.02
CA ALA B 65 -12.33 -33.84 3.40
C ALA B 65 -12.59 -35.34 3.56
N SER B 66 -12.86 -36.05 2.46
CA SER B 66 -13.06 -37.50 2.52
C SER B 66 -11.74 -38.23 2.68
N ARG B 67 -10.77 -37.97 1.80
CA ARG B 67 -9.45 -38.57 1.92
C ARG B 67 -8.81 -38.28 3.28
N LYS B 68 -9.09 -37.12 3.86
CA LYS B 68 -8.51 -36.73 5.15
C LYS B 68 -9.40 -37.07 6.33
N GLN B 69 -10.50 -37.79 6.13
CA GLN B 69 -11.29 -38.38 7.22
C GLN B 69 -11.72 -37.34 8.27
N LEU B 70 -11.99 -36.12 7.82
CA LEU B 70 -12.37 -35.05 8.75
C LEU B 70 -13.82 -35.26 9.18
N ARG B 71 -14.12 -35.03 10.46
CA ARG B 71 -15.52 -35.16 10.95
C ARG B 71 -15.98 -33.81 11.49
N ASP B 72 -15.04 -32.93 11.83
CA ASP B 72 -15.43 -31.64 12.44
C ASP B 72 -15.46 -30.52 11.38
N ALA B 73 -16.55 -29.76 11.33
CA ALA B 73 -16.73 -28.72 10.29
C ALA B 73 -15.64 -27.66 10.37
N GLU B 74 -15.12 -27.41 11.56
CA GLU B 74 -14.12 -26.34 11.74
C GLU B 74 -12.88 -26.59 10.88
N ALA B 75 -12.46 -27.84 10.69
CA ALA B 75 -11.28 -28.20 9.87
C ALA B 75 -11.51 -27.90 8.38
N LEU B 76 -12.76 -27.74 7.96
CA LEU B 76 -13.04 -27.36 6.55
C LEU B 76 -12.45 -25.98 6.26
N TYR B 77 -12.38 -25.11 7.26
CA TYR B 77 -11.85 -23.73 7.07
C TYR B 77 -10.48 -23.77 6.41
N GLY B 78 -9.58 -24.63 6.89
CA GLY B 78 -8.26 -24.72 6.27
C GLY B 78 -8.32 -25.20 4.83
N LEU B 79 -9.06 -26.30 4.59
CA LEU B 79 -9.25 -26.75 3.21
C LEU B 79 -9.91 -25.70 2.35
N LEU B 80 -10.88 -24.98 2.87
CA LEU B 80 -11.52 -23.96 2.04
C LEU B 80 -10.54 -22.84 1.71
N LYS B 81 -9.69 -22.46 2.68
CA LYS B 81 -8.70 -21.41 2.44
C LYS B 81 -7.75 -21.79 1.32
N GLU B 82 -7.22 -23.03 1.34
CA GLU B 82 -6.29 -23.43 0.30
C GLU B 82 -6.96 -23.64 -1.06
N GLU B 83 -8.21 -24.13 -1.09
CA GLU B 83 -8.91 -24.28 -2.36
C GLU B 83 -9.09 -22.92 -3.05
N MET B 84 -9.54 -21.92 -2.30
CA MET B 84 -9.77 -20.59 -2.87
C MET B 84 -8.49 -19.81 -3.10
N GLY B 85 -7.47 -20.04 -2.29
CA GLY B 85 -6.16 -19.50 -2.64
C GLY B 85 -5.59 -20.12 -3.90
N GLU B 86 -5.87 -21.39 -4.14
CA GLU B 86 -5.36 -22.06 -5.34
C GLU B 86 -5.88 -21.35 -6.60
N ILE B 87 -7.17 -20.98 -6.58
CA ILE B 87 -7.80 -20.30 -7.72
C ILE B 87 -7.13 -18.96 -7.97
N LEU B 88 -6.88 -18.19 -6.90
CA LEU B 88 -6.30 -16.86 -7.06
C LEU B 88 -4.82 -16.93 -7.40
N ALA B 89 -4.12 -17.96 -6.93
CA ALA B 89 -2.70 -18.05 -7.19
C ALA B 89 -2.41 -18.24 -8.68
N LYS B 90 -3.38 -18.75 -9.44
CA LYS B 90 -3.20 -18.97 -10.86
C LYS B 90 -3.25 -17.68 -11.67
N VAL B 91 -3.76 -16.59 -11.11
CA VAL B 91 -3.80 -15.31 -11.79
C VAL B 91 -2.93 -14.26 -11.09
N ASP B 92 -1.97 -14.70 -10.27
CA ASP B 92 -1.01 -13.80 -9.62
C ASP B 92 0.19 -13.63 -10.55
N GLU B 93 0.32 -12.45 -11.13
CA GLU B 93 1.35 -12.12 -12.11
C GLU B 93 1.39 -10.60 -12.24
N PRO B 94 2.21 -9.93 -11.45
CA PRO B 94 2.21 -8.46 -11.49
C PRO B 94 2.73 -7.92 -12.81
N LEU B 95 2.20 -6.76 -13.18
CA LEU B 95 2.61 -6.09 -14.41
C LEU B 95 4.03 -5.55 -14.30
N ASN B 96 4.80 -5.72 -15.37
CA ASN B 96 6.14 -5.19 -15.52
C ASN B 96 6.16 -4.26 -16.73
N VAL B 97 6.46 -2.98 -16.52
CA VAL B 97 6.40 -2.03 -17.61
C VAL B 97 7.79 -1.54 -18.03
N GLU B 98 8.84 -2.22 -17.59
CA GLU B 98 10.19 -1.74 -17.83
C GLU B 98 10.67 -2.11 -19.23
N GLY B 99 11.59 -1.29 -19.76
CA GLY B 99 12.43 -1.65 -20.88
C GLY B 99 11.85 -1.40 -22.26
N LYS B 100 10.84 -0.53 -22.37
CA LYS B 100 10.23 -0.26 -23.67
C LYS B 100 10.19 1.24 -23.92
N THR B 101 10.00 1.60 -25.18
CA THR B 101 10.14 2.97 -25.64
C THR B 101 9.05 3.32 -26.63
N PRO B 102 7.83 3.59 -26.15
CA PRO B 102 7.34 3.37 -24.78
C PRO B 102 6.69 2.01 -24.57
N PHE B 103 6.43 1.67 -23.30
CA PHE B 103 5.51 0.58 -22.97
C PHE B 103 4.09 1.11 -23.11
N VAL B 104 3.29 0.48 -23.96
CA VAL B 104 1.96 0.99 -24.27
C VAL B 104 0.91 0.16 -23.54
N ILE B 105 0.12 0.84 -22.72
CA ILE B 105 -1.00 0.24 -22.00
C ILE B 105 -2.29 0.74 -22.62
N LEU B 106 -3.00 -0.15 -23.31
CA LEU B 106 -4.34 0.15 -23.79
C LEU B 106 -5.33 -0.26 -22.70
N MET B 107 -6.10 0.73 -22.20
CA MET B 107 -7.09 0.54 -21.14
C MET B 107 -8.50 0.44 -21.74
N VAL B 108 -9.16 -0.69 -21.51
CA VAL B 108 -10.50 -0.93 -22.05
C VAL B 108 -11.46 -1.25 -20.92
N GLY B 109 -12.73 -0.95 -21.14
CA GLY B 109 -13.79 -1.20 -20.16
C GLY B 109 -14.99 -0.32 -20.43
N VAL B 110 -16.08 -0.57 -19.66
CA VAL B 110 -17.28 0.23 -19.81
C VAL B 110 -17.20 1.45 -18.88
N ASN B 111 -17.95 2.49 -19.21
CA ASN B 111 -17.94 3.71 -18.43
C ASN B 111 -18.49 3.48 -17.02
N GLY B 112 -17.91 4.15 -16.03
CA GLY B 112 -18.37 4.08 -14.66
C GLY B 112 -17.66 3.06 -13.81
N VAL B 113 -16.87 2.16 -14.39
CA VAL B 113 -16.14 1.16 -13.61
C VAL B 113 -14.93 1.74 -12.90
N GLY B 114 -14.54 2.97 -13.22
CA GLY B 114 -13.39 3.60 -12.63
C GLY B 114 -12.13 3.55 -13.46
N LYS B 115 -12.26 3.62 -14.79
CA LYS B 115 -11.10 3.42 -15.65
C LYS B 115 -10.15 4.63 -15.62
N THR B 116 -10.68 5.85 -15.66
CA THR B 116 -9.82 7.04 -15.69
C THR B 116 -9.10 7.23 -14.36
N THR B 117 -9.85 7.11 -13.26
CA THR B 117 -9.27 7.02 -11.92
C THR B 117 -8.10 6.04 -11.88
N THR B 118 -8.26 4.88 -12.54
CA THR B 118 -7.19 3.90 -12.53
C THR B 118 -5.97 4.39 -13.32
N ILE B 119 -6.22 5.03 -14.47
CA ILE B 119 -5.13 5.60 -15.25
C ILE B 119 -4.38 6.64 -14.42
N GLY B 120 -5.11 7.45 -13.67
CA GLY B 120 -4.45 8.52 -12.91
C GLY B 120 -3.51 7.97 -11.87
N LYS B 121 -3.96 6.94 -11.14
CA LYS B 121 -3.14 6.37 -10.08
C LYS B 121 -1.94 5.62 -10.64
N LEU B 122 -2.14 4.85 -11.72
CA LEU B 122 -1.00 4.21 -12.37
C LEU B 122 0.02 5.24 -12.81
N ALA B 123 -0.46 6.32 -13.43
CA ALA B 123 0.46 7.37 -13.88
C ALA B 123 1.29 7.87 -12.72
N ARG B 124 0.64 8.22 -11.61
CA ARG B 124 1.36 8.74 -10.46
C ARG B 124 2.32 7.71 -9.90
N GLN B 125 1.89 6.45 -9.82
CA GLN B 125 2.79 5.43 -9.29
C GLN B 125 4.01 5.25 -10.17
N PHE B 126 3.84 5.23 -11.49
CA PHE B 126 5.00 5.12 -12.39
C PHE B 126 5.93 6.33 -12.25
N GLU B 127 5.36 7.52 -12.14
CA GLU B 127 6.16 8.72 -11.92
C GLU B 127 6.97 8.63 -10.61
N GLN B 128 6.36 8.13 -9.53
CA GLN B 128 7.08 7.93 -8.27
C GLN B 128 8.26 6.98 -8.43
N GLN B 129 8.21 6.08 -9.40
CA GLN B 129 9.31 5.17 -9.64
C GLN B 129 10.36 5.73 -10.61
N GLY B 130 10.20 6.98 -11.04
CA GLY B 130 11.20 7.57 -11.89
C GLY B 130 10.98 7.36 -13.36
N LYS B 131 9.81 6.91 -13.76
CA LYS B 131 9.50 6.76 -15.16
C LYS B 131 8.74 7.98 -15.64
N SER B 132 8.93 8.35 -16.90
CA SER B 132 8.11 9.37 -17.51
C SER B 132 6.88 8.74 -18.14
N VAL B 133 5.74 9.43 -18.07
CA VAL B 133 4.44 8.89 -18.41
C VAL B 133 3.72 9.84 -19.36
N MET B 134 2.90 9.29 -20.26
CA MET B 134 2.13 10.12 -21.17
C MET B 134 0.77 9.46 -21.34
N LEU B 135 -0.29 10.27 -21.30
CA LEU B 135 -1.66 9.81 -21.48
C LEU B 135 -2.20 10.24 -22.83
N ALA B 136 -3.03 9.39 -23.39
CA ALA B 136 -3.72 9.62 -24.65
C ALA B 136 -5.22 9.60 -24.37
N ALA B 137 -5.89 10.71 -24.63
CA ALA B 137 -7.33 10.82 -24.38
C ALA B 137 -8.09 10.27 -25.58
N GLY B 138 -8.15 8.93 -25.66
CA GLY B 138 -8.84 8.22 -26.73
C GLY B 138 -10.36 8.19 -26.65
N ASP B 139 -10.94 8.65 -25.54
CA ASP B 139 -12.40 8.75 -25.36
C ASP B 139 -12.86 10.11 -25.89
N THR B 140 -12.84 10.23 -27.23
CA THR B 140 -12.86 11.54 -27.90
C THR B 140 -14.21 12.23 -27.93
N PHE B 141 -15.32 11.48 -27.79
CA PHE B 141 -16.64 12.09 -27.91
C PHE B 141 -17.13 12.67 -26.60
N ARG B 142 -16.55 12.26 -25.47
CA ARG B 142 -16.91 12.80 -24.14
C ARG B 142 -16.06 14.03 -23.86
N ALA B 143 -16.55 15.19 -24.33
CA ALA B 143 -15.76 16.42 -24.26
C ALA B 143 -15.34 16.76 -22.84
N ALA B 144 -16.26 16.63 -21.88
CA ALA B 144 -15.96 16.94 -20.48
C ALA B 144 -14.80 16.10 -19.98
N ALA B 145 -14.91 14.78 -20.09
CA ALA B 145 -13.85 13.89 -19.61
C ALA B 145 -12.48 14.27 -20.19
N VAL B 146 -12.43 14.59 -21.49
CA VAL B 146 -11.16 14.99 -22.11
C VAL B 146 -10.59 16.24 -21.43
N GLU B 147 -11.43 17.21 -21.09
CA GLU B 147 -10.93 18.42 -20.44
C GLU B 147 -10.52 18.13 -18.99
N GLN B 148 -11.33 17.33 -18.29
CA GLN B 148 -11.01 16.92 -16.93
C GLN B 148 -9.58 16.33 -16.91
N LEU B 149 -9.28 15.49 -17.90
CA LEU B 149 -8.00 14.81 -17.99
C LEU B 149 -6.89 15.78 -18.31
N GLN B 150 -7.13 16.75 -19.18
CA GLN B 150 -6.08 17.71 -19.50
C GLN B 150 -5.75 18.58 -18.29
N VAL B 151 -6.77 19.05 -17.58
CA VAL B 151 -6.57 19.77 -16.34
C VAL B 151 -5.76 18.92 -15.37
N TRP B 152 -6.13 17.64 -15.24
CA TRP B 152 -5.42 16.76 -14.32
C TRP B 152 -3.97 16.59 -14.73
N GLY B 153 -3.69 16.56 -16.03
CA GLY B 153 -2.30 16.52 -16.48
C GLY B 153 -1.53 17.77 -16.11
N GLN B 154 -2.14 18.93 -16.33
CA GLN B 154 -1.53 20.21 -15.96
C GLN B 154 -1.13 20.19 -14.49
N ARG B 155 -2.08 19.84 -13.63
CA ARG B 155 -1.87 19.86 -12.19
C ARG B 155 -0.77 18.89 -11.76
N ASN B 156 -0.54 17.82 -12.53
CA ASN B 156 0.36 16.74 -12.14
C ASN B 156 1.59 16.65 -13.03
N ASN B 157 1.79 17.64 -13.90
CA ASN B 157 2.91 17.66 -14.83
C ASN B 157 3.07 16.33 -15.57
N ILE B 158 1.98 15.92 -16.22
CA ILE B 158 1.97 14.71 -17.04
C ILE B 158 1.40 15.06 -18.40
N PRO B 159 2.15 14.85 -19.49
CA PRO B 159 1.66 15.25 -20.83
C PRO B 159 0.44 14.43 -21.24
N VAL B 160 -0.59 15.11 -21.75
CA VAL B 160 -1.86 14.52 -22.15
C VAL B 160 -2.15 14.89 -23.60
N ILE B 161 -2.09 13.90 -24.50
CA ILE B 161 -2.31 14.14 -25.92
C ILE B 161 -3.81 14.03 -26.24
N ALA B 162 -4.35 15.02 -26.94
CA ALA B 162 -5.77 15.08 -27.19
C ALA B 162 -6.03 15.76 -28.53
N GLN B 163 -7.24 15.55 -29.07
CA GLN B 163 -7.71 16.24 -30.26
C GLN B 163 -9.12 16.77 -30.01
N HIS B 164 -9.70 17.39 -31.05
CA HIS B 164 -11.02 17.98 -30.96
C HIS B 164 -12.06 16.90 -30.66
N THR B 165 -13.21 17.33 -30.12
CA THR B 165 -14.25 16.38 -29.79
C THR B 165 -14.73 15.63 -31.02
N GLY B 166 -14.90 14.32 -30.88
CA GLY B 166 -15.36 13.50 -31.98
C GLY B 166 -14.29 13.09 -32.96
N ALA B 167 -13.02 13.27 -32.61
CA ALA B 167 -11.93 12.87 -33.48
C ALA B 167 -11.78 11.35 -33.50
N ASP B 168 -11.08 10.86 -34.53
CA ASP B 168 -10.81 9.44 -34.64
C ASP B 168 -9.91 8.98 -33.49
N SER B 169 -10.36 7.96 -32.75
CA SER B 169 -9.58 7.48 -31.61
C SER B 169 -8.20 6.96 -32.02
N ALA B 170 -8.11 6.30 -33.17
CA ALA B 170 -6.84 5.76 -33.63
C ALA B 170 -5.85 6.86 -34.00
N SER B 171 -6.32 7.99 -34.52
CA SER B 171 -5.40 9.08 -34.86
C SER B 171 -4.80 9.70 -33.59
N VAL B 172 -5.65 9.95 -32.59
CA VAL B 172 -5.17 10.49 -31.31
C VAL B 172 -4.09 9.59 -30.73
N ILE B 173 -4.37 8.28 -30.68
CA ILE B 173 -3.43 7.34 -30.11
C ILE B 173 -2.22 7.17 -31.02
N PHE B 174 -2.40 7.29 -32.33
CA PHE B 174 -1.26 7.31 -33.25
C PHE B 174 -0.32 8.48 -32.93
N ASP B 175 -0.89 9.67 -32.75
CA ASP B 175 -0.07 10.85 -32.45
C ASP B 175 0.65 10.69 -31.12
N ALA B 176 -0.04 10.11 -30.13
CA ALA B 176 0.54 9.93 -28.82
C ALA B 176 1.78 9.03 -28.87
N ILE B 177 1.73 7.96 -29.68
CA ILE B 177 2.91 7.10 -29.81
C ILE B 177 4.05 7.85 -30.48
N GLN B 178 3.75 8.61 -31.54
CA GLN B 178 4.78 9.43 -32.17
C GLN B 178 5.43 10.39 -31.17
N ALA B 179 4.61 11.15 -30.43
CA ALA B 179 5.15 12.13 -29.48
C ALA B 179 5.90 11.46 -28.34
N ALA B 180 5.46 10.26 -27.93
CA ALA B 180 6.11 9.55 -26.84
C ALA B 180 7.47 9.01 -27.24
N LYS B 181 7.59 8.49 -28.47
CA LYS B 181 8.91 8.09 -28.97
C LYS B 181 9.82 9.29 -29.11
N ALA B 182 9.26 10.44 -29.55
CA ALA B 182 10.08 11.62 -29.73
C ALA B 182 10.59 12.17 -28.39
N ARG B 183 9.81 12.00 -27.33
CA ARG B 183 10.12 12.65 -26.06
C ARG B 183 10.73 11.70 -25.04
N ASN B 184 11.06 10.47 -25.44
CA ASN B 184 11.70 9.47 -24.57
C ASN B 184 10.80 9.08 -23.38
N ILE B 185 9.50 8.95 -23.65
CA ILE B 185 8.56 8.51 -22.64
C ILE B 185 8.75 7.03 -22.35
N ASP B 186 8.70 6.64 -21.07
CA ASP B 186 8.81 5.22 -20.73
C ASP B 186 7.45 4.50 -20.84
N VAL B 187 6.35 5.19 -20.53
CA VAL B 187 5.04 4.55 -20.44
C VAL B 187 4.00 5.45 -21.10
N LEU B 188 3.26 4.90 -22.05
CA LEU B 188 2.08 5.54 -22.60
C LEU B 188 0.84 4.74 -22.22
N ILE B 189 -0.16 5.42 -21.64
CA ILE B 189 -1.43 4.82 -21.25
C ILE B 189 -2.52 5.48 -22.08
N ALA B 190 -3.24 4.68 -22.86
CA ALA B 190 -4.31 5.23 -23.67
C ALA B 190 -5.67 4.85 -23.06
N ASP B 191 -6.46 5.87 -22.75
CA ASP B 191 -7.88 5.74 -22.44
C ASP B 191 -8.66 5.42 -23.73
N THR B 192 -9.87 4.86 -23.56
CA THR B 192 -10.73 4.46 -24.67
C THR B 192 -12.19 4.74 -24.34
N ALA B 193 -13.04 4.59 -25.36
CA ALA B 193 -14.49 4.79 -25.16
C ALA B 193 -15.10 3.62 -24.38
N GLY B 194 -16.16 3.90 -23.63
CA GLY B 194 -16.76 2.86 -22.79
C GLY B 194 -18.22 2.60 -23.06
N ARG B 195 -18.70 2.95 -24.25
CA ARG B 195 -20.12 2.68 -24.62
C ARG B 195 -20.22 1.31 -25.29
N LEU B 196 -20.95 0.39 -24.65
CA LEU B 196 -21.17 -0.96 -25.23
C LEU B 196 -22.57 -1.02 -25.82
N GLN B 197 -23.26 0.13 -25.91
CA GLN B 197 -24.67 0.14 -26.39
C GLN B 197 -24.65 -0.47 -27.78
N ASN B 198 -23.71 -0.04 -28.62
CA ASN B 198 -23.53 -0.75 -29.91
C ASN B 198 -22.23 -1.52 -29.64
N LYS B 199 -22.35 -2.79 -29.28
CA LYS B 199 -21.16 -3.59 -28.90
C LYS B 199 -20.21 -3.72 -30.09
N SER B 200 -20.77 -3.90 -31.29
CA SER B 200 -19.93 -4.09 -32.49
C SER B 200 -19.06 -2.86 -32.73
N HIS B 201 -19.61 -1.65 -32.49
CA HIS B 201 -18.88 -0.40 -32.76
C HIS B 201 -17.61 -0.22 -31.89
N LEU B 202 -17.70 -0.48 -30.58
CA LEU B 202 -16.55 -0.28 -29.69
C LEU B 202 -15.47 -1.32 -30.00
N MET B 203 -15.88 -2.56 -30.20
CA MET B 203 -14.91 -3.64 -30.44
C MET B 203 -14.17 -3.36 -31.75
N GLU B 204 -14.91 -2.89 -32.74
CA GLU B 204 -14.30 -2.57 -34.05
C GLU B 204 -13.41 -1.36 -33.88
N GLU B 205 -13.83 -0.41 -33.07
CA GLU B 205 -12.96 0.73 -32.79
C GLU B 205 -11.66 0.29 -32.13
N LEU B 206 -11.74 -0.61 -31.14
CA LEU B 206 -10.57 -1.04 -30.41
C LEU B 206 -9.61 -1.80 -31.32
N LYS B 207 -10.16 -2.57 -32.26
CA LYS B 207 -9.33 -3.26 -33.26
C LYS B 207 -8.64 -2.27 -34.19
N LYS B 208 -9.34 -1.22 -34.60
CA LYS B 208 -8.70 -0.23 -35.44
C LYS B 208 -7.50 0.38 -34.71
N ILE B 209 -7.66 0.67 -33.42
CA ILE B 209 -6.58 1.23 -32.60
C ILE B 209 -5.38 0.31 -32.57
N VAL B 210 -5.60 -0.99 -32.43
CA VAL B 210 -4.47 -1.91 -32.36
C VAL B 210 -3.78 -2.01 -33.71
N ARG B 211 -4.57 -2.06 -34.78
CA ARG B 211 -4.02 -2.04 -36.14
C ARG B 211 -3.10 -0.85 -36.34
N VAL B 212 -3.61 0.36 -36.08
CA VAL B 212 -2.80 1.56 -36.25
C VAL B 212 -1.53 1.49 -35.40
N MET B 213 -1.67 1.15 -34.11
CA MET B 213 -0.51 0.97 -33.24
C MET B 213 0.54 0.02 -33.80
N LYS B 214 0.10 -1.07 -34.45
CA LYS B 214 1.08 -2.02 -34.95
C LYS B 214 1.86 -1.47 -36.13
N LYS B 215 1.34 -0.46 -36.84
CA LYS B 215 2.12 0.19 -37.89
C LYS B 215 3.37 0.85 -37.33
N LEU B 216 3.34 1.24 -36.04
CA LEU B 216 4.43 1.94 -35.38
C LEU B 216 5.34 1.03 -34.57
N ASP B 217 4.77 0.12 -33.78
CA ASP B 217 5.53 -0.86 -33.00
C ASP B 217 4.78 -2.18 -33.05
N VAL B 218 5.39 -3.21 -33.62
CA VAL B 218 4.64 -4.45 -33.80
C VAL B 218 4.37 -5.16 -32.49
N GLU B 219 5.04 -4.75 -31.42
CA GLU B 219 4.85 -5.30 -30.09
C GLU B 219 3.77 -4.58 -29.29
N ALA B 220 3.28 -3.46 -29.79
CA ALA B 220 2.26 -2.66 -29.13
C ALA B 220 0.87 -3.16 -29.50
N PRO B 221 -0.10 -3.14 -28.54
CA PRO B 221 0.04 -2.76 -27.13
C PRO B 221 0.82 -3.79 -26.34
N HIS B 222 1.71 -3.34 -25.48
CA HIS B 222 2.39 -4.29 -24.64
C HIS B 222 1.45 -4.88 -23.58
N GLU B 223 0.36 -4.19 -23.27
CA GLU B 223 -0.64 -4.66 -22.32
C GLU B 223 -2.02 -4.20 -22.76
N VAL B 224 -2.94 -5.14 -22.88
CA VAL B 224 -4.35 -4.84 -23.03
C VAL B 224 -4.98 -5.11 -21.68
N MET B 225 -5.39 -4.05 -21.00
CA MET B 225 -5.88 -4.16 -19.64
C MET B 225 -7.36 -3.78 -19.53
N LEU B 226 -8.11 -4.62 -18.87
CA LEU B 226 -9.52 -4.36 -18.60
C LEU B 226 -9.69 -3.81 -17.18
N THR B 227 -10.54 -2.80 -17.03
CA THR B 227 -11.03 -2.37 -15.72
C THR B 227 -12.47 -2.83 -15.54
N ILE B 228 -12.70 -3.62 -14.50
CA ILE B 228 -14.05 -4.01 -14.11
C ILE B 228 -14.26 -3.66 -12.65
N ASP B 229 -15.53 -3.56 -12.29
CA ASP B 229 -16.01 -3.06 -11.01
C ASP B 229 -16.61 -4.22 -10.21
N ALA B 230 -16.00 -4.52 -9.05
CA ALA B 230 -16.43 -5.67 -8.24
C ALA B 230 -17.83 -5.51 -7.68
N SER B 231 -18.34 -4.29 -7.57
CA SER B 231 -19.68 -4.12 -7.06
C SER B 231 -20.78 -4.39 -8.09
N THR B 232 -20.44 -4.72 -9.35
CA THR B 232 -21.43 -5.06 -10.37
C THR B 232 -21.65 -6.55 -10.50
N GLY B 233 -21.03 -7.32 -9.60
CA GLY B 233 -21.24 -8.76 -9.59
C GLY B 233 -20.89 -9.38 -10.93
N GLN B 234 -21.78 -10.24 -11.41
CA GLN B 234 -21.53 -10.99 -12.62
C GLN B 234 -21.49 -10.12 -13.87
N ASN B 235 -21.92 -8.86 -13.78
CA ASN B 235 -21.72 -7.95 -14.91
C ASN B 235 -20.26 -7.83 -15.28
N ALA B 236 -19.38 -7.80 -14.29
CA ALA B 236 -17.95 -7.78 -14.59
C ALA B 236 -17.52 -9.02 -15.36
N VAL B 237 -18.04 -10.19 -14.96
CA VAL B 237 -17.72 -11.43 -15.65
C VAL B 237 -18.13 -11.34 -17.13
N SER B 238 -19.37 -10.92 -17.38
CA SER B 238 -19.83 -10.74 -18.74
C SER B 238 -18.96 -9.76 -19.52
N GLN B 239 -18.68 -8.58 -18.95
CA GLN B 239 -17.84 -7.60 -19.63
C GLN B 239 -16.48 -8.18 -19.98
N ALA B 240 -15.87 -8.90 -19.05
CA ALA B 240 -14.57 -9.50 -19.34
C ALA B 240 -14.67 -10.43 -20.54
N LYS B 241 -15.75 -11.19 -20.62
CA LYS B 241 -15.90 -12.11 -21.73
C LYS B 241 -15.95 -11.37 -23.06
N LEU B 242 -16.74 -10.29 -23.14
CA LEU B 242 -16.78 -9.57 -24.42
C LEU B 242 -15.41 -9.02 -24.80
N PHE B 243 -14.74 -8.33 -23.88
CA PHE B 243 -13.49 -7.72 -24.29
C PHE B 243 -12.44 -8.79 -24.58
N HIS B 244 -12.46 -9.90 -23.86
CA HIS B 244 -11.39 -10.90 -24.08
C HIS B 244 -11.53 -11.49 -25.47
N GLU B 245 -12.75 -11.84 -25.86
CA GLU B 245 -12.97 -12.48 -27.17
C GLU B 245 -12.61 -11.52 -28.29
N ALA B 246 -13.05 -10.28 -28.17
CA ALA B 246 -12.81 -9.28 -29.23
C ALA B 246 -11.35 -8.85 -29.39
N VAL B 247 -10.65 -8.55 -28.29
CA VAL B 247 -9.30 -7.94 -28.44
C VAL B 247 -8.16 -8.75 -27.80
N GLY B 248 -8.45 -9.65 -26.87
CA GLY B 248 -7.39 -10.43 -26.20
C GLY B 248 -6.77 -9.75 -25.00
N LEU B 249 -7.43 -9.79 -23.84
CA LEU B 249 -6.92 -9.14 -22.61
C LEU B 249 -5.62 -9.78 -22.14
N THR B 250 -4.69 -8.95 -21.69
CA THR B 250 -3.43 -9.48 -21.11
C THR B 250 -3.43 -9.20 -19.61
N GLY B 251 -4.47 -8.54 -19.13
CA GLY B 251 -4.48 -8.14 -17.72
C GLY B 251 -5.80 -7.56 -17.28
N ILE B 252 -6.10 -7.71 -15.99
CA ILE B 252 -7.34 -7.16 -15.47
C ILE B 252 -7.04 -6.31 -14.25
N THR B 253 -7.74 -5.19 -14.13
CA THR B 253 -7.80 -4.41 -12.91
C THR B 253 -9.23 -4.44 -12.39
N LEU B 254 -9.38 -4.79 -11.12
CA LEU B 254 -10.68 -4.93 -10.47
C LEU B 254 -10.78 -3.84 -9.40
N THR B 255 -11.67 -2.88 -9.64
CA THR B 255 -11.86 -1.75 -8.74
C THR B 255 -12.94 -2.00 -7.69
N LYS B 256 -12.94 -1.13 -6.67
CA LYS B 256 -14.05 -0.96 -5.73
C LYS B 256 -14.34 -2.23 -4.93
N LEU B 257 -13.29 -2.95 -4.52
CA LEU B 257 -13.53 -4.10 -3.62
C LEU B 257 -13.96 -3.63 -2.24
N ASP B 258 -13.46 -2.49 -1.80
CA ASP B 258 -14.10 -1.75 -0.72
C ASP B 258 -15.49 -1.35 -1.19
N GLY B 259 -16.42 -1.23 -0.27
CA GLY B 259 -17.73 -0.76 -0.67
C GLY B 259 -18.57 -1.79 -1.37
N THR B 260 -18.52 -3.06 -0.92
CA THR B 260 -19.30 -4.12 -1.54
C THR B 260 -19.18 -5.40 -0.72
N ALA B 261 -20.32 -6.06 -0.49
CA ALA B 261 -20.34 -7.42 0.01
C ALA B 261 -20.25 -8.46 -1.10
N LYS B 262 -19.96 -8.03 -2.33
CA LYS B 262 -19.93 -8.87 -3.52
C LYS B 262 -18.52 -9.35 -3.85
N GLY B 263 -17.70 -9.62 -2.84
CA GLY B 263 -16.29 -9.87 -3.07
C GLY B 263 -15.98 -11.15 -3.80
N GLY B 264 -16.96 -12.05 -3.94
CA GLY B 264 -16.71 -13.32 -4.59
C GLY B 264 -16.37 -13.21 -6.05
N VAL B 265 -16.72 -12.08 -6.67
CA VAL B 265 -16.54 -11.90 -8.11
C VAL B 265 -15.08 -12.08 -8.53
N ILE B 266 -14.14 -11.74 -7.65
CA ILE B 266 -12.73 -11.92 -8.00
C ILE B 266 -12.42 -13.40 -8.26
N PHE B 267 -12.97 -14.29 -7.45
CA PHE B 267 -12.82 -15.73 -7.69
C PHE B 267 -13.44 -16.15 -9.00
N SER B 268 -14.56 -15.53 -9.36
CA SER B 268 -15.28 -15.95 -10.55
C SER B 268 -14.52 -15.54 -11.80
N VAL B 269 -13.98 -14.31 -11.82
CA VAL B 269 -13.18 -13.88 -12.97
C VAL B 269 -11.85 -14.61 -12.99
N ALA B 270 -11.28 -14.90 -11.82
CA ALA B 270 -10.02 -15.65 -11.81
C ALA B 270 -10.20 -17.04 -12.41
N ASP B 271 -11.27 -17.73 -12.01
CA ASP B 271 -11.47 -19.12 -12.41
C ASP B 271 -11.88 -19.24 -13.87
N GLN B 272 -12.86 -18.45 -14.31
CA GLN B 272 -13.36 -18.61 -15.67
C GLN B 272 -12.30 -18.31 -16.72
N PHE B 273 -11.47 -17.30 -16.49
CA PHE B 273 -10.63 -16.75 -17.55
C PHE B 273 -9.13 -17.00 -17.39
N GLY B 274 -8.60 -17.06 -16.18
CA GLY B 274 -7.16 -17.25 -16.08
C GLY B 274 -6.35 -16.07 -16.57
N ILE B 275 -6.96 -14.88 -16.64
CA ILE B 275 -6.24 -13.71 -17.10
C ILE B 275 -5.58 -13.08 -15.88
N PRO B 276 -4.28 -12.83 -15.89
CA PRO B 276 -3.64 -12.23 -14.72
C PRO B 276 -4.40 -11.01 -14.25
N ILE B 277 -4.66 -10.99 -12.94
CA ILE B 277 -5.20 -9.81 -12.28
C ILE B 277 -4.00 -8.97 -11.86
N ARG B 278 -3.87 -7.77 -12.44
CA ARG B 278 -2.68 -6.96 -12.20
C ARG B 278 -2.82 -6.10 -10.94
N TYR B 279 -3.97 -5.44 -10.77
CA TYR B 279 -4.19 -4.51 -9.68
C TYR B 279 -5.60 -4.64 -9.11
N ILE B 280 -5.75 -4.32 -7.83
CA ILE B 280 -7.07 -4.17 -7.21
C ILE B 280 -7.16 -2.79 -6.60
N GLY B 281 -8.32 -2.17 -6.76
CA GLY B 281 -8.60 -0.87 -6.15
C GLY B 281 -9.40 -1.06 -4.88
N VAL B 282 -8.90 -0.55 -3.76
CA VAL B 282 -9.55 -0.83 -2.46
C VAL B 282 -9.85 0.48 -1.74
N GLY B 283 -9.83 1.60 -2.47
CA GLY B 283 -10.09 2.92 -1.86
C GLY B 283 -9.79 4.09 -2.77
N GLU B 284 -9.75 5.30 -2.22
CA GLU B 284 -9.56 6.54 -3.02
C GLU B 284 -8.11 7.05 -3.01
N ARG B 285 -7.23 6.41 -2.25
CA ARG B 285 -5.79 6.80 -2.23
C ARG B 285 -5.06 6.16 -3.41
N ILE B 286 -3.93 6.73 -3.83
CA ILE B 286 -3.11 6.17 -4.93
C ILE B 286 -2.58 4.78 -4.53
N GLU B 287 -2.17 4.57 -3.28
CA GLU B 287 -1.70 3.25 -2.81
C GLU B 287 -2.88 2.28 -2.74
N ASP B 288 -4.11 2.80 -2.77
CA ASP B 288 -5.32 1.93 -2.83
C ASP B 288 -5.34 1.15 -4.15
N LEU B 289 -4.72 1.65 -5.21
CA LEU B 289 -4.55 0.82 -6.42
C LEU B 289 -3.31 -0.01 -6.13
N ARG B 290 -3.49 -1.25 -5.71
CA ARG B 290 -2.44 -2.11 -5.23
C ARG B 290 -2.11 -3.19 -6.26
N PRO B 291 -0.86 -3.61 -6.36
CA PRO B 291 -0.56 -4.82 -7.14
C PRO B 291 -1.19 -6.04 -6.48
N PHE B 292 -1.86 -6.86 -7.28
CA PHE B 292 -2.57 -7.99 -6.71
C PHE B 292 -1.61 -9.12 -6.39
N LYS B 293 -1.61 -9.56 -5.12
CA LYS B 293 -0.86 -10.73 -4.65
C LYS B 293 -1.83 -11.69 -3.99
N ALA B 294 -1.87 -12.93 -4.46
CA ALA B 294 -2.93 -13.86 -4.05
C ALA B 294 -2.77 -14.27 -2.59
N ASP B 295 -1.54 -14.54 -2.15
CA ASP B 295 -1.31 -14.95 -0.77
C ASP B 295 -1.81 -13.89 0.22
N ASP B 296 -1.50 -12.61 -0.04
CA ASP B 296 -1.92 -11.55 0.87
C ASP B 296 -3.43 -11.37 0.83
N PHE B 297 -4.03 -11.47 -0.36
CA PHE B 297 -5.47 -11.31 -0.48
C PHE B 297 -6.20 -12.40 0.31
N ILE B 298 -5.76 -13.65 0.16
CA ILE B 298 -6.36 -14.78 0.85
C ILE B 298 -6.19 -14.65 2.36
N GLU B 299 -5.00 -14.26 2.79
CA GLU B 299 -4.76 -14.00 4.21
C GLU B 299 -5.66 -12.89 4.74
N ALA B 300 -5.73 -11.76 4.03
CA ALA B 300 -6.60 -10.69 4.48
C ALA B 300 -8.05 -11.14 4.54
N LEU B 301 -8.50 -11.96 3.58
CA LEU B 301 -9.88 -12.40 3.49
C LEU B 301 -10.22 -13.41 4.59
N PHE B 302 -9.28 -14.27 4.95
CA PHE B 302 -9.53 -15.35 5.90
C PHE B 302 -9.03 -15.05 7.31
N ALA B 303 -8.37 -13.90 7.52
CA ALA B 303 -7.87 -13.57 8.83
C ALA B 303 -9.02 -13.51 9.84
N ARG B 304 -8.73 -14.00 11.04
CA ARG B 304 -9.74 -14.29 12.04
C ARG B 304 -9.78 -13.10 12.99
N GLU B 305 -10.46 -12.03 12.54
CA GLU B 305 -10.76 -10.92 13.42
C GLU B 305 -12.03 -11.18 14.21
#